data_3U8O
#
_entry.id   3U8O
#
_cell.length_a   57.446
_cell.length_b   72.680
_cell.length_c   83.090
_cell.angle_alpha   90.00
_cell.angle_beta   90.00
_cell.angle_gamma   90.00
#
_symmetry.space_group_name_H-M   'P 21 21 21'
#
loop_
_entity.id
_entity.type
_entity.pdbx_description
1 polymer 'Thrombin light chain'
2 polymer 'Thrombin heavy chain'
3 polymer 'D-PHE-PRO-D-ARG-D-THR DERIVED DIRECT THROMBIN INHIBITOR'
4 non-polymer 2-acetamido-2-deoxy-beta-D-glucopyranose
5 non-polymer 'SODIUM ION'
6 non-polymer 'IODIDE ION'
7 non-polymer 'CHLORIDE ION'
8 non-polymer (4R)-2-METHYLPENTANE-2,4-DIOL
9 water water
#
loop_
_entity_poly.entity_id
_entity_poly.type
_entity_poly.pdbx_seq_one_letter_code
_entity_poly.pdbx_strand_id
1 'polypeptide(L)' ADCGLRPLFEKKSLEDKTERELLESYIDGR L
2 'polypeptide(L)'
;IVEGSDAEIGMSPWQVMLFRKSPQELLCGASLISDRWVLTAAHCLLYPPWDKNFTENDLLVRIGKHSRTRYERNIEKISM
LEKIYIHPRYNWRENLDRDIALMKLKKPVAFSDYIHPVCLPDRETAASLLQAGYKGRVTGWGNLKETWTANVGKGQPSVL
QVVNLPIVERPVCKDSTRIRITDNMFCAGYKPDEGKRGDACEGDSGGPFVMKSPFNNRWYQMGIVSWGEGCDRDGKYGFY
THVFRLKKWIQKVIDQFGE
;
H
3 'polypeptide(L)' (DPN)P(DAR)(DTH)(NH2) I
#
# COMPACT_ATOMS: atom_id res chain seq x y z
N ALA A 1 15.39 2.00 9.79
CA ALA A 1 16.31 1.98 10.95
C ALA A 1 15.86 0.87 11.90
N ASP A 2 14.76 1.15 12.58
CA ASP A 2 13.97 0.13 13.21
C ASP A 2 12.81 -0.26 12.28
N CYS A 3 12.87 0.16 11.02
CA CYS A 3 11.73 0.01 10.14
C CYS A 3 11.36 -1.44 9.99
N GLY A 4 10.08 -1.67 9.78
CA GLY A 4 9.64 -2.97 9.32
C GLY A 4 9.60 -4.06 10.40
N LEU A 5 9.79 -3.69 11.68
CA LEU A 5 9.75 -4.65 12.78
C LEU A 5 8.59 -4.21 13.66
N ARG A 6 7.51 -4.99 13.73
CA ARG A 6 6.28 -4.54 14.37
C ARG A 6 6.35 -4.72 15.88
N PRO A 7 6.01 -3.66 16.64
CA PRO A 7 6.00 -3.77 18.10
C PRO A 7 5.23 -4.97 18.64
N LEU A 8 4.09 -5.28 18.04
CA LEU A 8 3.23 -6.32 18.60
C LEU A 8 3.49 -7.71 18.02
N PHE A 9 4.45 -7.81 17.10
CA PHE A 9 4.74 -9.09 16.45
C PHE A 9 6.22 -9.38 16.53
N GLU A 10 7.03 -8.93 15.57
CA GLU A 10 8.46 -9.27 15.60
C GLU A 10 9.12 -8.90 16.93
N LYS A 11 8.80 -7.72 17.48
CA LYS A 11 9.49 -7.25 18.68
C LYS A 11 9.14 -8.08 19.91
N LYS A 12 8.04 -8.82 19.85
CA LYS A 12 7.58 -9.71 20.92
C LYS A 12 7.73 -11.18 20.56
N SER A 13 8.40 -11.48 19.46
CA SER A 13 8.52 -12.86 19.00
C SER A 13 7.18 -13.54 18.79
N LEU A 14 6.21 -12.78 18.25
CA LEU A 14 4.90 -13.31 17.94
C LEU A 14 4.69 -13.22 16.42
N GLU A 15 4.04 -14.23 15.86
CA GLU A 15 3.72 -14.30 14.43
C GLU A 15 2.27 -13.97 14.23
N ASP A 16 1.96 -13.25 13.17
CA ASP A 16 0.57 -13.03 12.84
C ASP A 16 -0.01 -14.27 12.17
N LYS A 17 -1.33 -14.24 11.99
CA LYS A 17 -2.11 -15.38 11.58
CA LYS A 17 -2.09 -15.39 11.59
C LYS A 17 -1.81 -15.89 10.18
N THR A 18 -1.27 -15.04 9.30
CA THR A 18 -1.04 -15.49 7.92
C THR A 18 0.34 -15.23 7.36
N GLU A 19 1.27 -14.72 8.16
CA GLU A 19 2.59 -14.39 7.62
C GLU A 19 3.34 -15.62 7.16
N ARG A 20 3.08 -16.77 7.77
CA ARG A 20 3.72 -17.97 7.30
C ARG A 20 3.37 -18.31 5.84
N GLU A 21 2.19 -17.91 5.37
CA GLU A 21 1.87 -18.12 3.97
C GLU A 21 2.86 -17.41 3.08
N LEU A 22 3.31 -16.23 3.49
CA LEU A 22 4.29 -15.47 2.71
C LEU A 22 5.62 -16.22 2.70
N LEU A 23 6.06 -16.64 3.88
CA LEU A 23 7.33 -17.33 4.01
CA LEU A 23 7.33 -17.35 4.01
C LEU A 23 7.32 -18.64 3.21
N GLU A 24 6.22 -19.38 3.28
CA GLU A 24 6.13 -20.64 2.55
C GLU A 24 6.12 -20.41 1.04
N SER A 25 5.66 -19.25 0.57
CA SER A 25 5.71 -19.01 -0.87
C SER A 25 7.12 -18.92 -1.40
N TYR A 26 8.09 -18.61 -0.52
CA TYR A 26 9.47 -18.62 -0.94
C TYR A 26 9.98 -20.03 -1.22
N ILE A 27 9.36 -21.03 -0.60
CA ILE A 27 9.73 -22.41 -0.77
C ILE A 27 9.02 -22.97 -1.97
N ASP A 28 7.70 -22.71 -2.08
CA ASP A 28 6.81 -23.43 -3.01
C ASP A 28 6.38 -22.62 -4.21
N GLY A 29 6.57 -21.30 -4.20
CA GLY A 29 6.00 -20.45 -5.23
C GLY A 29 6.74 -20.48 -6.54
N ARG A 30 8.01 -20.90 -6.49
CA ARG A 30 8.88 -21.03 -7.65
C ARG A 30 9.73 -22.26 -7.41
N ILE B 1 -10.63 -4.36 0.15
CA ILE B 1 -9.99 -5.68 -0.02
C ILE B 1 -11.06 -6.75 -0.21
N VAL B 2 -10.95 -7.50 -1.31
CA VAL B 2 -11.90 -8.56 -1.67
C VAL B 2 -11.31 -9.89 -1.26
N GLU B 3 -12.11 -10.70 -0.57
CA GLU B 3 -11.73 -12.04 -0.16
C GLU B 3 -10.54 -12.05 0.81
N GLY B 4 -10.45 -11.00 1.62
CA GLY B 4 -9.49 -10.96 2.70
C GLY B 4 -10.14 -11.29 4.03
N SER B 5 -9.50 -10.85 5.11
CA SER B 5 -9.99 -11.05 6.47
CA SER B 5 -10.03 -11.03 6.45
C SER B 5 -9.64 -9.85 7.32
N ASP B 6 -10.20 -9.76 8.52
CA ASP B 6 -9.88 -8.70 9.44
C ASP B 6 -8.40 -8.76 9.80
N ALA B 7 -7.73 -7.62 9.75
CA ALA B 7 -6.39 -7.56 10.29
C ALA B 7 -6.41 -7.80 11.80
N GLU B 8 -5.29 -8.31 12.32
CA GLU B 8 -5.05 -8.30 13.75
C GLU B 8 -4.59 -6.93 14.17
N ILE B 9 -4.80 -6.63 15.44
CA ILE B 9 -4.37 -5.35 15.98
C ILE B 9 -2.86 -5.19 15.86
N GLY B 10 -2.43 -4.07 15.29
CA GLY B 10 -1.01 -3.80 15.13
C GLY B 10 -0.31 -4.60 14.06
N MET B 11 -1.08 -5.26 13.20
CA MET B 11 -0.53 -6.14 12.16
C MET B 11 0.12 -5.32 11.04
N SER B 12 -0.37 -4.11 10.82
CA SER B 12 0.09 -3.23 9.74
CA SER B 12 0.14 -3.23 9.77
C SER B 12 0.28 -1.81 10.29
N PRO B 13 1.28 -1.61 11.17
CA PRO B 13 1.35 -0.36 11.92
C PRO B 13 1.83 0.83 11.08
N TRP B 14 2.22 0.55 9.85
CA TRP B 14 2.54 1.57 8.85
C TRP B 14 1.35 1.99 8.02
N GLN B 15 0.18 1.33 8.20
CA GLN B 15 -0.98 1.69 7.39
CA GLN B 15 -1.03 1.68 7.47
C GLN B 15 -1.46 3.09 7.78
N VAL B 16 -1.75 3.88 6.75
CA VAL B 16 -2.23 5.23 6.91
C VAL B 16 -3.53 5.37 6.14
N MET B 17 -4.45 6.12 6.70
CA MET B 17 -5.71 6.49 6.05
C MET B 17 -5.60 7.93 5.58
N LEU B 18 -5.80 8.17 4.29
CA LEU B 18 -5.90 9.52 3.74
C LEU B 18 -7.36 9.92 3.80
N PHE B 19 -7.62 11.05 4.44
CA PHE B 19 -8.97 11.42 4.80
C PHE B 19 -9.27 12.81 4.26
N ARG B 20 -10.43 12.95 3.63
CA ARG B 20 -10.89 14.24 3.14
C ARG B 20 -11.49 15.01 4.30
N LYS B 21 -11.19 16.29 4.39
CA LYS B 21 -11.73 17.08 5.49
C LYS B 21 -13.18 17.42 5.31
N SER B 22 -13.59 17.71 4.08
CA SER B 22 -14.95 18.15 3.84
CA SER B 22 -14.95 18.16 3.83
C SER B 22 -15.39 17.79 2.43
N PRO B 23 -16.38 16.89 2.32
CA PRO B 23 -17.01 16.17 3.43
C PRO B 23 -16.01 15.20 4.04
N GLN B 24 -16.27 14.80 5.27
CA GLN B 24 -15.42 13.88 5.98
C GLN B 24 -15.56 12.48 5.36
N GLU B 25 -14.50 11.99 4.69
CA GLU B 25 -14.56 10.65 4.13
C GLU B 25 -13.19 10.08 3.82
N LEU B 26 -13.14 8.76 3.82
CA LEU B 26 -11.96 8.01 3.44
CA LEU B 26 -11.95 8.06 3.46
C LEU B 26 -11.69 8.30 1.98
N LEU B 27 -10.47 8.69 1.66
CA LEU B 27 -10.10 8.82 0.23
C LEU B 27 -9.25 7.67 -0.29
N CYS B 28 -8.32 7.22 0.52
CA CYS B 28 -7.28 6.30 0.05
C CYS B 28 -6.54 5.75 1.24
N GLY B 29 -5.77 4.73 0.96
CA GLY B 29 -4.73 4.29 1.85
C GLY B 29 -3.40 4.99 1.54
N ALA B 30 -2.42 4.71 2.37
CA ALA B 30 -1.11 5.32 2.34
C ALA B 30 -0.23 4.53 3.31
N SER B 31 1.05 4.86 3.42
CA SER B 31 1.93 4.15 4.33
C SER B 31 2.92 5.12 4.98
N LEU B 32 3.30 4.77 6.19
CA LEU B 32 4.25 5.55 6.97
C LEU B 32 5.65 5.03 6.69
N ILE B 33 6.52 5.87 6.12
CA ILE B 33 7.89 5.45 5.78
C ILE B 33 8.95 6.07 6.68
N SER B 34 8.55 7.05 7.48
CA SER B 34 9.40 7.61 8.53
C SER B 34 8.49 8.41 9.44
N ASP B 35 9.05 9.09 10.42
CA ASP B 35 8.20 9.82 11.34
C ASP B 35 7.57 11.07 10.73
N ARG B 36 7.99 11.50 9.53
CA ARG B 36 7.27 12.63 8.94
C ARG B 36 6.94 12.49 7.47
N TRP B 37 7.16 11.33 6.88
CA TRP B 37 6.85 11.12 5.46
C TRP B 37 5.91 9.96 5.28
N VAL B 38 4.93 10.19 4.42
CA VAL B 38 3.91 9.22 4.07
C VAL B 38 3.90 9.04 2.56
N LEU B 39 3.78 7.80 2.14
CA LEU B 39 3.80 7.40 0.74
C LEU B 39 2.39 7.03 0.29
N THR B 40 1.98 7.43 -0.91
CA THR B 40 0.69 7.07 -1.43
C THR B 40 0.76 7.03 -2.95
N ALA B 41 -0.39 6.80 -3.59
CA ALA B 41 -0.50 6.85 -5.05
C ALA B 41 -0.77 8.29 -5.51
N ALA B 42 -0.12 8.72 -6.58
CA ALA B 42 -0.42 10.03 -7.13
C ALA B 42 -1.90 10.20 -7.48
N HIS B 43 -2.55 9.13 -7.97
CA HIS B 43 -3.92 9.28 -8.44
C HIS B 43 -4.89 9.50 -7.30
N CYS B 44 -4.45 9.26 -6.06
CA CYS B 44 -5.26 9.60 -4.90
C CYS B 44 -5.33 11.09 -4.69
N LEU B 45 -4.37 11.82 -5.25
CA LEU B 45 -4.27 13.27 -5.02
C LEU B 45 -4.56 14.06 -6.29
N LEU B 46 -4.23 13.50 -7.46
CA LEU B 46 -4.29 14.23 -8.72
C LEU B 46 -4.80 13.31 -9.81
N TYR B 47 -5.99 13.60 -10.35
CA TYR B 47 -6.52 12.84 -11.46
C TYR B 47 -7.50 13.75 -12.19
N PRO B 48 -6.95 14.55 -13.10
CA PRO B 48 -7.79 15.55 -13.78
C PRO B 48 -9.03 15.00 -14.49
N PRO B 49 -8.99 13.78 -15.04
CA PRO B 49 -10.23 13.35 -15.71
C PRO B 49 -11.45 13.22 -14.78
N TRP B 50 -11.19 13.10 -13.47
CA TRP B 50 -12.26 13.10 -12.48
C TRP B 50 -12.31 14.43 -11.70
N ASP B 51 -11.69 15.46 -12.24
CA ASP B 51 -11.63 16.77 -11.57
C ASP B 51 -11.05 16.68 -10.16
N LYS B 52 -10.05 15.83 -10.00
CA LYS B 52 -9.42 15.66 -8.71
C LYS B 52 -8.05 16.31 -8.65
N ASN B 53 -7.85 17.22 -7.70
CA ASN B 53 -6.57 17.90 -7.55
C ASN B 53 -6.54 18.47 -6.16
N PHE B 54 -6.21 17.63 -5.19
CA PHE B 54 -6.26 18.06 -3.81
C PHE B 54 -5.07 18.94 -3.44
N THR B 55 -5.34 19.86 -2.55
CA THR B 55 -4.29 20.66 -1.93
C THR B 55 -4.12 20.13 -0.49
N GLU B 56 -3.02 20.49 0.12
CA GLU B 56 -2.69 20.04 1.45
C GLU B 56 -3.79 20.33 2.46
N ASN B 57 -4.40 21.50 2.37
CA ASN B 57 -5.39 21.90 3.33
C ASN B 57 -6.72 21.16 3.19
N ASP B 58 -6.87 20.37 2.14
CA ASP B 58 -8.08 19.58 1.91
C ASP B 58 -8.08 18.25 2.65
N LEU B 59 -6.93 17.86 3.20
CA LEU B 59 -6.69 16.49 3.62
C LEU B 59 -6.12 16.34 5.02
N LEU B 60 -6.30 15.16 5.60
CA LEU B 60 -5.60 14.74 6.81
C LEU B 60 -5.07 13.34 6.60
N VAL B 61 -4.08 12.96 7.40
CA VAL B 61 -3.76 11.55 7.51
C VAL B 61 -4.07 11.06 8.91
N ARG B 62 -4.51 9.81 8.97
CA ARG B 62 -4.85 9.17 10.22
C ARG B 62 -4.05 7.90 10.32
N ILE B 63 -3.27 7.81 11.37
CA ILE B 63 -2.23 6.80 11.53
C ILE B 63 -2.57 6.00 12.78
N GLY B 64 -2.28 4.69 12.79
CA GLY B 64 -2.56 3.83 13.93
C GLY B 64 -3.98 3.30 14.01
N LYS B 65 -4.75 3.40 12.93
CA LYS B 65 -6.16 3.01 12.97
C LYS B 65 -6.37 1.51 12.74
N HIS B 66 -7.49 1.05 13.26
CA HIS B 66 -7.98 -0.29 13.05
C HIS B 66 -9.41 -0.19 12.50
N SER B 67 -10.33 0.39 13.26
CA SER B 67 -11.67 0.67 12.78
C SER B 67 -11.65 1.60 11.57
N ARG B 68 -12.52 1.35 10.60
CA ARG B 68 -12.69 2.24 9.48
C ARG B 68 -13.25 3.60 9.88
N THR B 69 -14.17 3.60 10.84
CA THR B 69 -14.98 4.77 11.10
C THR B 69 -14.84 5.36 12.49
N ARG B 70 -14.53 4.55 13.49
CA ARG B 70 -14.52 5.04 14.87
C ARG B 70 -13.31 5.91 15.10
N TYR B 71 -13.47 6.98 15.86
CA TYR B 71 -12.35 7.77 16.30
C TYR B 71 -11.67 7.00 17.43
N GLU B 72 -10.42 6.63 17.22
CA GLU B 72 -9.74 5.74 18.14
C GLU B 72 -8.81 6.55 19.03
N ARG B 73 -9.41 7.25 19.98
CA ARG B 73 -8.72 8.28 20.74
C ARG B 73 -7.42 7.80 21.39
N ASN B 74 -7.54 6.61 21.93
CA ASN B 74 -6.45 5.79 22.47
C ASN B 74 -5.19 5.61 21.59
N ILE B 75 -5.39 5.40 20.32
CA ILE B 75 -4.34 4.81 19.53
C ILE B 75 -4.04 5.55 18.24
N GLU B 76 -5.02 6.20 17.60
CA GLU B 76 -4.73 6.85 16.32
C GLU B 76 -4.17 8.24 16.55
N LYS B 77 -3.42 8.68 15.57
CA LYS B 77 -2.93 10.04 15.51
CA LYS B 77 -2.86 10.03 15.49
C LYS B 77 -3.31 10.65 14.19
N ILE B 78 -3.82 11.86 14.25
CA ILE B 78 -4.29 12.61 13.11
C ILE B 78 -3.29 13.68 12.82
N SER B 79 -2.80 13.73 11.60
CA SER B 79 -1.77 14.69 11.22
C SER B 79 -2.18 15.52 10.03
N MET B 80 -1.69 16.75 10.04
CA MET B 80 -1.82 17.66 8.90
CA MET B 80 -1.82 17.67 8.91
C MET B 80 -0.65 17.50 7.95
N LEU B 81 -0.88 17.87 6.70
CA LEU B 81 0.12 17.82 5.63
CA LEU B 81 0.15 17.82 5.66
C LEU B 81 0.81 19.17 5.47
N GLU B 82 2.14 19.17 5.46
CA GLU B 82 2.95 20.34 5.11
CA GLU B 82 2.90 20.35 5.10
C GLU B 82 2.99 20.52 3.60
N LYS B 83 3.25 19.43 2.87
CA LYS B 83 3.47 19.51 1.43
C LYS B 83 3.27 18.16 0.77
N ILE B 84 2.66 18.20 -0.41
CA ILE B 84 2.50 17.07 -1.31
C ILE B 84 3.51 17.16 -2.44
N TYR B 85 4.12 16.02 -2.77
CA TYR B 85 5.05 15.91 -3.90
C TYR B 85 4.59 14.77 -4.78
N ILE B 86 4.28 15.08 -6.03
CA ILE B 86 3.82 14.10 -7.02
C ILE B 86 4.94 13.86 -8.00
N HIS B 87 5.13 12.63 -8.40
CA HIS B 87 6.17 12.37 -9.38
C HIS B 87 5.93 13.24 -10.62
N PRO B 88 6.97 13.92 -11.11
CA PRO B 88 6.74 14.86 -12.25
C PRO B 88 6.36 14.15 -13.55
N ARG B 89 6.70 12.88 -13.65
CA ARG B 89 6.35 12.09 -14.84
C ARG B 89 5.23 11.08 -14.62
N TYR B 90 4.42 11.32 -13.60
CA TYR B 90 3.17 10.61 -13.39
C TYR B 90 2.29 10.76 -14.62
N ASN B 91 1.98 9.65 -15.26
CA ASN B 91 1.30 9.67 -16.57
C ASN B 91 -0.19 9.35 -16.39
N TRP B 92 -0.93 10.32 -15.85
CA TRP B 92 -2.35 10.14 -15.60
C TRP B 92 -3.17 10.07 -16.86
N ARG B 93 -2.65 10.65 -17.94
CA ARG B 93 -3.42 10.74 -19.16
C ARG B 93 -3.50 9.42 -19.89
N GLU B 94 -2.62 8.48 -19.58
CA GLU B 94 -2.50 7.27 -20.38
C GLU B 94 -2.66 5.98 -19.55
N ASN B 95 -1.77 5.73 -18.61
CA ASN B 95 -1.64 4.41 -17.99
C ASN B 95 -1.30 4.44 -16.49
N LEU B 96 -1.33 5.61 -15.86
CA LEU B 96 -0.94 5.72 -14.45
C LEU B 96 0.50 5.31 -14.22
N ASP B 97 1.36 5.43 -15.22
CA ASP B 97 2.77 5.20 -14.99
C ASP B 97 3.28 6.16 -13.93
N ARG B 98 4.15 5.65 -13.07
CA ARG B 98 4.78 6.41 -11.99
CA ARG B 98 4.77 6.42 -12.01
CA ARG B 98 4.78 6.38 -11.98
C ARG B 98 3.72 6.98 -11.06
N ASP B 99 2.82 6.12 -10.63
CA ASP B 99 1.72 6.48 -9.78
C ASP B 99 2.20 6.52 -8.33
N ILE B 100 2.82 7.61 -7.96
CA ILE B 100 3.47 7.73 -6.68
C ILE B 100 3.51 9.18 -6.22
N ALA B 101 3.30 9.36 -4.92
CA ALA B 101 3.34 10.68 -4.28
C ALA B 101 3.84 10.53 -2.86
N LEU B 102 4.43 11.61 -2.38
CA LEU B 102 4.89 11.71 -1.00
C LEU B 102 4.17 12.86 -0.33
N MET B 103 3.94 12.71 0.96
CA MET B 103 3.37 13.76 1.78
C MET B 103 4.24 13.94 3.00
N LYS B 104 4.69 15.16 3.22
CA LYS B 104 5.44 15.51 4.42
C LYS B 104 4.45 16.03 5.45
N LEU B 105 4.51 15.49 6.65
CA LEU B 105 3.63 15.89 7.73
C LEU B 105 4.11 17.18 8.38
N LYS B 106 3.19 17.93 9.00
CA LYS B 106 3.53 19.20 9.61
C LYS B 106 4.35 19.02 10.88
N LYS B 107 4.30 17.87 11.52
CA LYS B 107 5.19 17.57 12.65
C LYS B 107 5.40 16.05 12.70
N PRO B 108 6.56 15.63 13.20
CA PRO B 108 6.79 14.18 13.28
C PRO B 108 5.75 13.49 14.16
N VAL B 109 5.38 12.27 13.79
CA VAL B 109 4.46 11.45 14.57
CA VAL B 109 4.48 11.48 14.60
C VAL B 109 5.28 10.59 15.53
N ALA B 110 4.78 10.43 16.76
CA ALA B 110 5.40 9.53 17.70
C ALA B 110 5.05 8.10 17.35
N PHE B 111 6.05 7.22 17.35
CA PHE B 111 5.78 5.81 17.12
C PHE B 111 5.19 5.20 18.39
N SER B 112 4.47 4.10 18.21
CA SER B 112 3.81 3.43 19.31
C SER B 112 3.65 1.96 18.92
N ASP B 113 2.90 1.20 19.69
CA ASP B 113 2.60 -0.18 19.34
C ASP B 113 1.80 -0.27 18.05
N TYR B 114 1.12 0.82 17.70
CA TYR B 114 0.18 0.85 16.59
C TYR B 114 0.68 1.66 15.40
N ILE B 115 1.80 2.35 15.58
CA ILE B 115 2.33 3.31 14.60
C ILE B 115 3.81 3.07 14.46
N HIS B 116 4.23 2.60 13.28
CA HIS B 116 5.61 2.24 13.07
C HIS B 116 5.87 2.18 11.59
N PRO B 117 7.04 2.65 11.11
CA PRO B 117 7.27 2.73 9.67
C PRO B 117 7.65 1.40 9.04
N VAL B 118 7.32 1.29 7.76
CA VAL B 118 7.71 0.15 6.93
C VAL B 118 9.05 0.45 6.27
N CYS B 119 9.82 -0.57 5.91
CA CYS B 119 11.04 -0.33 5.18
C CYS B 119 10.77 -0.20 3.69
N LEU B 120 11.65 0.51 3.00
CA LEU B 120 11.65 0.53 1.54
C LEU B 120 12.79 -0.35 1.04
N PRO B 121 12.53 -1.13 -0.01
CA PRO B 121 13.53 -2.09 -0.48
C PRO B 121 14.77 -1.47 -1.08
N ASP B 122 15.91 -2.11 -0.82
CA ASP B 122 17.12 -1.90 -1.57
C ASP B 122 17.06 -2.74 -2.85
N ARG B 123 18.01 -2.52 -3.73
CA ARG B 123 18.01 -3.16 -5.03
C ARG B 123 18.00 -4.69 -4.93
N GLU B 124 18.83 -5.27 -4.08
CA GLU B 124 18.91 -6.73 -4.02
C GLU B 124 17.69 -7.35 -3.37
N THR B 125 17.12 -6.70 -2.35
CA THR B 125 15.88 -7.18 -1.77
C THR B 125 14.80 -7.19 -2.83
N ALA B 126 14.72 -6.12 -3.64
CA ALA B 126 13.71 -6.10 -4.70
C ALA B 126 13.96 -7.21 -5.72
N ALA B 127 15.21 -7.37 -6.14
CA ALA B 127 15.51 -8.38 -7.14
C ALA B 127 15.16 -9.78 -6.63
N SER B 128 15.47 -10.03 -5.37
CA SER B 128 15.27 -11.36 -4.78
CA SER B 128 15.26 -11.34 -4.80
C SER B 128 13.79 -11.65 -4.53
N LEU B 129 13.04 -10.68 -4.03
CA LEU B 129 11.69 -10.95 -3.56
C LEU B 129 10.62 -10.70 -4.57
N LEU B 130 10.82 -9.77 -5.48
CA LEU B 130 9.76 -9.44 -6.40
C LEU B 130 9.86 -10.38 -7.61
N GLN B 131 9.45 -11.63 -7.40
CA GLN B 131 9.48 -12.69 -8.40
C GLN B 131 8.15 -13.40 -8.42
N ALA B 132 7.72 -13.81 -9.61
CA ALA B 132 6.44 -14.46 -9.79
C ALA B 132 6.30 -15.68 -8.91
N GLY B 133 5.16 -15.78 -8.25
CA GLY B 133 4.87 -16.89 -7.36
C GLY B 133 5.15 -16.60 -5.89
N TYR B 134 6.02 -15.64 -5.60
CA TYR B 134 6.20 -15.20 -4.21
C TYR B 134 5.02 -14.31 -3.83
N LYS B 135 4.60 -14.38 -2.58
CA LYS B 135 3.43 -13.66 -2.13
C LYS B 135 3.80 -12.43 -1.32
N GLY B 136 3.01 -11.37 -1.51
CA GLY B 136 3.02 -10.23 -0.63
C GLY B 136 1.63 -10.02 -0.07
N ARG B 137 1.46 -8.90 0.61
CA ARG B 137 0.28 -8.66 1.43
C ARG B 137 -0.22 -7.26 1.16
N VAL B 138 -1.52 -7.11 1.00
CA VAL B 138 -2.17 -5.83 0.79
CA VAL B 138 -2.12 -5.80 0.82
C VAL B 138 -3.17 -5.63 1.90
N THR B 139 -3.25 -4.39 2.38
CA THR B 139 -4.16 -4.02 3.46
C THR B 139 -4.92 -2.79 3.11
N GLY B 140 -6.11 -2.63 3.66
CA GLY B 140 -6.87 -1.41 3.46
C GLY B 140 -8.28 -1.50 3.95
N TRP B 141 -8.97 -0.36 3.87
CA TRP B 141 -10.34 -0.22 4.28
C TRP B 141 -11.27 -0.04 3.10
N GLY B 142 -10.81 -0.43 1.92
CA GLY B 142 -11.59 -0.33 0.69
C GLY B 142 -12.73 -1.34 0.59
N ASN B 143 -13.44 -1.28 -0.52
CA ASN B 143 -14.60 -2.12 -0.71
C ASN B 143 -14.29 -3.60 -0.60
N LEU B 144 -15.27 -4.34 -0.10
CA LEU B 144 -15.21 -5.80 0.04
C LEU B 144 -15.55 -6.53 -1.25
N LYS B 145 -16.17 -5.83 -2.20
CA LYS B 145 -16.56 -6.40 -3.48
CA LYS B 145 -16.54 -6.41 -3.49
C LYS B 145 -16.56 -5.29 -4.51
N GLU B 146 -16.43 -5.65 -5.78
CA GLU B 146 -16.49 -4.66 -6.85
C GLU B 146 -17.72 -3.80 -6.83
N GLY B 155 -20.87 -2.06 1.30
CA GLY B 155 -19.84 -3.04 1.05
C GLY B 155 -18.50 -2.61 1.62
N GLN B 156 -18.51 -1.99 2.77
CA GLN B 156 -17.31 -1.48 3.40
CA GLN B 156 -17.32 -1.47 3.41
C GLN B 156 -17.05 -2.25 4.68
N PRO B 157 -15.77 -2.50 5.00
CA PRO B 157 -15.49 -3.28 6.21
C PRO B 157 -15.59 -2.45 7.47
N SER B 158 -15.80 -3.10 8.59
CA SER B 158 -15.76 -2.45 9.89
CA SER B 158 -15.77 -2.41 9.87
C SER B 158 -14.35 -2.11 10.33
N VAL B 159 -13.41 -3.00 10.01
CA VAL B 159 -12.03 -2.83 10.41
C VAL B 159 -11.09 -3.12 9.22
N LEU B 160 -9.84 -2.72 9.38
CA LEU B 160 -8.81 -2.93 8.36
C LEU B 160 -8.80 -4.37 7.87
N GLN B 161 -8.73 -4.56 6.56
CA GLN B 161 -8.67 -5.89 5.94
C GLN B 161 -7.29 -6.20 5.41
N VAL B 162 -7.01 -7.49 5.30
CA VAL B 162 -5.72 -7.97 4.83
C VAL B 162 -5.93 -9.12 3.86
N VAL B 163 -5.12 -9.22 2.83
CA VAL B 163 -5.07 -10.39 1.98
C VAL B 163 -3.65 -10.57 1.47
N ASN B 164 -3.27 -11.82 1.29
CA ASN B 164 -1.96 -12.16 0.73
C ASN B 164 -2.16 -12.62 -0.72
N LEU B 165 -1.30 -12.17 -1.64
CA LEU B 165 -1.50 -12.41 -3.05
C LEU B 165 -0.16 -12.68 -3.72
N PRO B 166 -0.12 -13.58 -4.69
CA PRO B 166 1.14 -13.86 -5.40
C PRO B 166 1.42 -12.84 -6.49
N ILE B 167 2.69 -12.53 -6.64
CA ILE B 167 3.18 -11.74 -7.77
CA ILE B 167 3.20 -11.75 -7.77
C ILE B 167 3.02 -12.57 -9.04
N VAL B 168 2.63 -11.92 -10.13
CA VAL B 168 2.34 -12.56 -11.41
C VAL B 168 3.42 -12.24 -12.44
N GLU B 169 3.71 -13.20 -13.33
CA GLU B 169 4.65 -13.04 -14.42
C GLU B 169 4.24 -11.88 -15.31
N ARG B 170 5.21 -11.08 -15.71
CA ARG B 170 4.91 -9.90 -16.50
C ARG B 170 4.12 -10.20 -17.78
N PRO B 171 4.45 -11.26 -18.56
CA PRO B 171 3.68 -11.52 -19.78
C PRO B 171 2.21 -11.78 -19.46
N VAL B 172 1.93 -12.45 -18.33
CA VAL B 172 0.54 -12.69 -17.95
C VAL B 172 -0.15 -11.34 -17.59
N CYS B 173 0.54 -10.50 -16.83
CA CYS B 173 0.02 -9.17 -16.51
C CYS B 173 -0.29 -8.42 -17.81
N LYS B 174 0.65 -8.44 -18.74
CA LYS B 174 0.51 -7.70 -19.97
C LYS B 174 -0.68 -8.21 -20.80
N ASP B 175 -0.82 -9.53 -20.93
CA ASP B 175 -1.88 -10.08 -21.75
C ASP B 175 -3.28 -9.94 -21.11
N SER B 176 -3.33 -9.59 -19.83
CA SER B 176 -4.60 -9.51 -19.11
C SER B 176 -5.34 -8.21 -19.35
N THR B 177 -4.71 -7.23 -19.98
CA THR B 177 -5.27 -5.90 -20.07
C THR B 177 -4.81 -5.20 -21.35
N ARG B 178 -5.59 -4.23 -21.81
CA ARG B 178 -5.14 -3.40 -22.93
C ARG B 178 -4.42 -2.14 -22.49
N ILE B 179 -4.44 -1.82 -21.20
CA ILE B 179 -3.68 -0.69 -20.69
C ILE B 179 -2.20 -0.95 -20.96
N ARG B 180 -1.47 0.07 -21.36
CA ARG B 180 -0.06 -0.08 -21.66
C ARG B 180 0.77 -0.12 -20.37
N ILE B 181 1.13 -1.31 -19.93
CA ILE B 181 1.85 -1.45 -18.69
CA ILE B 181 1.87 -1.54 -18.69
C ILE B 181 3.31 -1.12 -18.89
N THR B 182 3.99 -0.76 -17.80
CA THR B 182 5.39 -0.42 -17.83
C THR B 182 6.13 -1.16 -16.72
N ASP B 183 7.46 -1.04 -16.74
CA ASP B 183 8.32 -1.63 -15.73
C ASP B 183 8.21 -0.93 -14.38
N ASN B 184 7.54 0.21 -14.34
CA ASN B 184 7.22 0.86 -13.07
C ASN B 184 5.98 0.33 -12.39
N MET B 185 5.45 -0.77 -12.90
CA MET B 185 4.26 -1.43 -12.32
C MET B 185 4.55 -2.92 -12.21
N PHE B 186 3.87 -3.59 -11.30
CA PHE B 186 3.79 -5.03 -11.34
C PHE B 186 2.34 -5.42 -11.06
N CYS B 187 1.98 -6.66 -11.31
CA CYS B 187 0.63 -7.12 -10.98
C CYS B 187 0.69 -8.34 -10.07
N ALA B 188 -0.41 -8.53 -9.34
CA ALA B 188 -0.51 -9.60 -8.37
C ALA B 188 -1.94 -10.07 -8.24
N GLY B 189 -2.06 -11.33 -7.86
CA GLY B 189 -3.37 -11.99 -7.75
C GLY B 189 -3.28 -13.40 -8.25
N TYR B 190 -4.29 -14.19 -7.94
CA TYR B 190 -4.33 -15.57 -8.36
C TYR B 190 -4.82 -15.66 -9.81
N LYS B 191 -4.27 -16.63 -10.52
CA LYS B 191 -4.77 -17.01 -11.84
CA LYS B 191 -4.77 -17.01 -11.84
C LYS B 191 -5.99 -17.88 -11.69
N PRO B 192 -6.87 -17.88 -12.70
CA PRO B 192 -8.03 -18.77 -12.62
C PRO B 192 -7.64 -20.23 -12.26
N ASP B 193 -6.55 -20.75 -12.84
CA ASP B 193 -6.17 -22.16 -12.63
C ASP B 193 -5.63 -22.42 -11.22
N GLU B 194 -5.45 -21.39 -10.41
CA GLU B 194 -5.02 -21.57 -9.02
C GLU B 194 -6.19 -21.72 -8.06
N GLY B 195 -7.40 -21.44 -8.49
CA GLY B 195 -8.56 -21.78 -7.70
C GLY B 195 -8.63 -21.06 -6.37
N LYS B 196 -8.13 -19.83 -6.31
CA LYS B 196 -8.22 -18.95 -5.14
CA LYS B 196 -8.23 -18.95 -5.15
C LYS B 196 -8.52 -17.54 -5.62
N ARG B 197 -8.99 -16.71 -4.71
CA ARG B 197 -9.43 -15.37 -5.05
C ARG B 197 -8.77 -14.34 -4.17
N GLY B 198 -8.99 -13.07 -4.49
CA GLY B 198 -8.49 -11.97 -3.69
C GLY B 198 -7.96 -10.83 -4.50
N ASP B 199 -8.20 -9.61 -4.03
CA ASP B 199 -7.72 -8.41 -4.73
C ASP B 199 -7.85 -7.23 -3.82
N ALA B 200 -7.15 -6.15 -4.15
CA ALA B 200 -7.48 -4.83 -3.63
C ALA B 200 -8.68 -4.29 -4.39
N CYS B 201 -9.21 -3.18 -3.93
CA CYS B 201 -10.39 -2.62 -4.59
C CYS B 201 -10.45 -1.11 -4.29
N GLU B 202 -11.46 -0.43 -4.77
CA GLU B 202 -11.57 1.00 -4.52
CA GLU B 202 -11.61 0.98 -4.52
C GLU B 202 -11.54 1.28 -3.02
N GLY B 203 -10.80 2.32 -2.67
CA GLY B 203 -10.57 2.70 -1.30
C GLY B 203 -9.28 2.13 -0.72
N ASP B 204 -8.76 1.05 -1.31
CA ASP B 204 -7.48 0.50 -0.90
C ASP B 204 -6.31 1.23 -1.59
N SER B 205 -6.64 1.91 -2.69
CA SER B 205 -5.71 2.68 -3.49
C SER B 205 -4.77 3.49 -2.66
N GLY B 206 -3.50 3.52 -3.06
CA GLY B 206 -2.51 4.27 -2.33
C GLY B 206 -1.88 3.53 -1.18
N GLY B 207 -2.49 2.43 -0.72
CA GLY B 207 -1.96 1.66 0.38
C GLY B 207 -0.89 0.68 -0.06
N PRO B 208 -0.30 -0.02 0.90
CA PRO B 208 0.93 -0.76 0.64
C PRO B 208 0.72 -2.21 0.26
N PHE B 209 1.56 -2.69 -0.65
CA PHE B 209 1.80 -4.11 -0.91
C PHE B 209 3.15 -4.40 -0.28
N VAL B 210 3.17 -5.23 0.76
CA VAL B 210 4.37 -5.47 1.54
C VAL B 210 4.81 -6.92 1.41
N MET B 211 6.08 -7.15 1.69
CA MET B 211 6.63 -8.50 1.75
C MET B 211 7.51 -8.58 3.00
N LYS B 212 7.50 -9.74 3.65
CA LYS B 212 8.38 -9.97 4.80
C LYS B 212 9.66 -10.63 4.30
N SER B 213 10.76 -9.95 4.48
CA SER B 213 12.03 -10.44 3.99
C SER B 213 12.50 -11.64 4.78
N PRO B 214 12.88 -12.73 4.08
CA PRO B 214 13.44 -13.88 4.77
C PRO B 214 14.90 -13.60 5.17
N PHE B 215 15.50 -12.52 4.64
CA PHE B 215 16.90 -12.23 4.94
C PHE B 215 17.10 -11.56 6.29
N ASN B 216 16.15 -10.72 6.70
CA ASN B 216 16.29 -9.98 7.94
C ASN B 216 15.02 -9.87 8.76
N ASN B 217 13.96 -10.56 8.36
CA ASN B 217 12.68 -10.61 9.06
C ASN B 217 11.96 -9.27 9.11
N ARG B 218 12.32 -8.32 8.26
CA ARG B 218 11.67 -7.02 8.23
C ARG B 218 10.65 -6.96 7.11
N TRP B 219 9.63 -6.15 7.29
CA TRP B 219 8.64 -5.87 6.28
C TRP B 219 9.09 -4.70 5.40
N TYR B 220 8.96 -4.94 4.09
CA TYR B 220 9.33 -3.99 3.04
C TYR B 220 8.09 -3.68 2.21
N GLN B 221 7.93 -2.42 1.84
CA GLN B 221 6.87 -2.02 0.92
C GLN B 221 7.39 -2.11 -0.52
N MET B 222 6.88 -3.10 -1.24
CA MET B 222 7.28 -3.33 -2.63
C MET B 222 6.37 -2.60 -3.60
N GLY B 223 5.10 -2.38 -3.24
CA GLY B 223 4.15 -1.80 -4.17
C GLY B 223 3.20 -0.85 -3.50
N ILE B 224 2.53 -0.06 -4.34
CA ILE B 224 1.46 0.82 -3.94
C ILE B 224 0.21 0.42 -4.76
N VAL B 225 -0.93 0.23 -4.12
CA VAL B 225 -2.16 -0.09 -4.85
C VAL B 225 -2.47 1.03 -5.86
N SER B 226 -2.50 0.69 -7.15
CA SER B 226 -2.54 1.71 -8.18
C SER B 226 -3.76 1.63 -9.08
N TRP B 227 -3.99 0.50 -9.75
CA TRP B 227 -5.10 0.46 -10.71
C TRP B 227 -5.57 -0.99 -10.92
N GLY B 228 -6.74 -1.13 -11.54
CA GLY B 228 -7.28 -2.43 -11.87
C GLY B 228 -8.53 -2.23 -12.69
N GLU B 229 -9.10 -3.29 -13.17
CA GLU B 229 -10.30 -3.23 -13.99
C GLU B 229 -11.33 -4.09 -13.27
N GLY B 230 -12.23 -3.43 -12.58
CA GLY B 230 -13.10 -4.12 -11.63
C GLY B 230 -12.30 -4.55 -10.41
N CYS B 231 -12.81 -5.49 -9.62
CA CYS B 231 -12.05 -6.05 -8.53
C CYS B 231 -12.31 -7.53 -8.48
N ASP B 232 -11.25 -8.29 -8.34
CA ASP B 232 -11.31 -9.76 -8.21
C ASP B 232 -12.00 -10.45 -9.38
N ARG B 233 -11.88 -9.92 -10.59
CA ARG B 233 -12.42 -10.58 -11.76
C ARG B 233 -11.50 -11.70 -12.22
N ASP B 234 -12.10 -12.77 -12.74
CA ASP B 234 -11.29 -13.85 -13.26
C ASP B 234 -10.46 -13.39 -14.45
N GLY B 235 -9.17 -13.69 -14.40
CA GLY B 235 -8.26 -13.34 -15.47
C GLY B 235 -7.79 -11.91 -15.46
N LYS B 236 -8.15 -11.16 -14.42
CA LYS B 236 -7.64 -9.83 -14.21
C LYS B 236 -6.78 -9.82 -12.97
N TYR B 237 -5.89 -8.84 -12.86
CA TYR B 237 -4.95 -8.75 -11.75
C TYR B 237 -4.90 -7.31 -11.27
N GLY B 238 -4.61 -7.11 -9.99
CA GLY B 238 -4.39 -5.77 -9.50
C GLY B 238 -3.01 -5.30 -9.91
N PHE B 239 -2.89 -4.01 -10.19
CA PHE B 239 -1.63 -3.40 -10.53
C PHE B 239 -1.15 -2.46 -9.44
N TYR B 240 0.17 -2.47 -9.27
CA TYR B 240 0.84 -1.81 -8.15
C TYR B 240 2.01 -1.02 -8.69
N THR B 241 2.24 0.16 -8.12
CA THR B 241 3.42 0.95 -8.43
C THR B 241 4.63 0.21 -7.86
N HIS B 242 5.68 0.10 -8.67
CA HIS B 242 6.92 -0.60 -8.31
C HIS B 242 7.79 0.34 -7.49
N VAL B 243 7.74 0.19 -6.17
CA VAL B 243 8.39 1.13 -5.27
C VAL B 243 9.89 1.18 -5.46
N PHE B 244 10.56 0.03 -5.60
CA PHE B 244 12.00 0.09 -5.79
C PHE B 244 12.36 0.91 -7.01
N ARG B 245 11.70 0.70 -8.13
CA ARG B 245 12.06 1.41 -9.35
CA ARG B 245 12.08 1.45 -9.31
C ARG B 245 11.83 2.92 -9.25
N LEU B 246 10.99 3.34 -8.31
CA LEU B 246 10.76 4.75 -8.09
C LEU B 246 11.50 5.28 -6.87
N LYS B 247 12.38 4.46 -6.29
CA LYS B 247 13.06 4.88 -5.06
C LYS B 247 14.05 5.98 -5.29
N LYS B 248 14.65 6.02 -6.46
CA LYS B 248 15.54 7.14 -6.80
C LYS B 248 14.79 8.47 -6.65
N TRP B 249 13.53 8.53 -7.04
CA TRP B 249 12.76 9.74 -6.91
C TRP B 249 12.42 10.02 -5.44
N ILE B 250 12.01 8.99 -4.71
CA ILE B 250 11.71 9.15 -3.30
C ILE B 250 12.93 9.74 -2.59
N GLN B 251 14.11 9.19 -2.84
CA GLN B 251 15.33 9.65 -2.18
C GLN B 251 15.66 11.09 -2.55
N LYS B 252 15.44 11.44 -3.82
CA LYS B 252 15.69 12.81 -4.29
CA LYS B 252 15.69 12.81 -4.28
C LYS B 252 14.79 13.79 -3.52
N VAL B 253 13.52 13.46 -3.38
CA VAL B 253 12.57 14.33 -2.69
C VAL B 253 12.98 14.48 -1.22
N ILE B 254 13.25 13.37 -0.57
CA ILE B 254 13.50 13.45 0.85
C ILE B 254 14.85 14.15 1.11
N ASP B 255 15.84 13.92 0.25
CA ASP B 255 17.15 14.56 0.39
C ASP B 255 17.02 16.06 0.22
N GLN B 256 16.19 16.49 -0.73
CA GLN B 256 16.03 17.92 -1.01
C GLN B 256 15.19 18.64 0.01
N PHE B 257 14.14 18.00 0.49
CA PHE B 257 13.17 18.67 1.32
C PHE B 257 13.26 18.31 2.80
N GLY B 258 14.13 17.36 3.13
CA GLY B 258 14.51 17.13 4.51
C GLY B 258 13.83 15.92 5.12
N GLU B 259 14.64 15.03 5.64
CA GLU B 259 14.15 13.86 6.35
C GLU B 259 13.29 14.32 7.54
N PRO C 2 -8.17 3.83 -12.65
CA PRO C 2 -7.50 4.11 -11.39
C PRO C 2 -8.19 3.43 -10.23
#